data_1TG2
#
_entry.id   1TG2
#
_cell.length_a   66.534
_cell.length_b   107.755
_cell.length_c   124.282
_cell.angle_alpha   90.00
_cell.angle_beta   90.00
_cell.angle_gamma   90.00
#
_symmetry.space_group_name_H-M   'C 2 2 21'
#
loop_
_entity.id
_entity.type
_entity.pdbx_description
1 polymer Phenylalanine-4-hydroxylase
2 non-polymer 'FE (III) ION'
3 non-polymer 2-AMINO-6-(1,2-DIHYDROXY-PROPYL)-7,8-DIHYDRO-6H-PTERIDIN-4-ONE
4 water water
#
_entity_poly.entity_id   1
_entity_poly.type   'polypeptide(L)'
_entity_poly.pdbx_seq_one_letter_code
;TVPWFPRTIQELDRFANQILSYGAELDADHPGFKDPVYRARRKQFADIAYNYRHGQPIPRVEYMEEEKKTWGTVFKTLKS
LYKTHACYEYNHIFPLLEKYCGFHEDNIPQLEDVSQFLQTCTGFRLRPVAGLLSSRDFLGGLAFRVFHCTQYIRHGSKPM
YTPEPDICHELLGHVPLFSDRSFAQFSQEIGLASLGTPDEYIEKLATIYWFTVEFGLCKQGDSIKAYGAGLLSSFGELQY
CLSEKPKLLPLELEKTAIQNYTVTEFQPLYYVAESFNDAKEKVRNFAATIPRPFSVRYDPYTQRIEVL
;
_entity_poly.pdbx_strand_id   A
#
# COMPACT_ATOMS: atom_id res chain seq x y z
N THR A 1 -26.22 14.57 3.95
CA THR A 1 -26.24 13.14 3.54
C THR A 1 -24.94 12.39 3.89
N VAL A 2 -24.96 11.06 3.76
CA VAL A 2 -23.80 10.21 4.06
C VAL A 2 -23.26 9.66 2.75
N PRO A 3 -21.96 9.87 2.46
CA PRO A 3 -21.40 9.35 1.20
C PRO A 3 -21.48 7.83 1.04
N TRP A 4 -21.69 7.40 -0.20
CA TRP A 4 -21.81 5.98 -0.50
C TRP A 4 -20.57 5.20 -0.15
N PHE A 5 -20.77 3.96 0.24
CA PHE A 5 -19.67 3.06 0.53
C PHE A 5 -20.14 1.64 0.31
N PRO A 6 -19.26 0.80 -0.28
CA PRO A 6 -19.58 -0.59 -0.54
C PRO A 6 -20.04 -1.36 0.71
N ARG A 7 -21.05 -2.20 0.55
CA ARG A 7 -21.56 -3.01 1.66
C ARG A 7 -21.04 -4.44 1.54
N THR A 8 -20.64 -4.82 0.33
CA THR A 8 -20.08 -6.15 0.12
C THR A 8 -18.75 -6.04 -0.61
N ILE A 9 -17.92 -7.06 -0.50
CA ILE A 9 -16.63 -7.04 -1.16
C ILE A 9 -16.77 -6.88 -2.67
N GLN A 10 -17.85 -7.40 -3.23
CA GLN A 10 -18.12 -7.32 -4.67
C GLN A 10 -18.37 -5.87 -5.12
N GLU A 11 -18.97 -5.08 -4.24
CA GLU A 11 -19.24 -3.71 -4.60
C GLU A 11 -17.98 -2.86 -4.78
N LEU A 12 -16.81 -3.39 -4.40
CA LEU A 12 -15.58 -2.63 -4.61
C LEU A 12 -15.45 -2.42 -6.11
N ASP A 13 -16.05 -3.32 -6.89
CA ASP A 13 -16.05 -3.20 -8.35
C ASP A 13 -16.46 -1.78 -8.85
N ARG A 14 -17.24 -1.04 -8.08
CA ARG A 14 -17.64 0.30 -8.53
C ARG A 14 -16.46 1.31 -8.66
N PHE A 15 -15.32 1.02 -8.01
CA PHE A 15 -14.16 1.93 -8.04
C PHE A 15 -13.44 2.16 -9.37
N ALA A 16 -13.15 1.08 -10.09
CA ALA A 16 -12.46 1.19 -11.38
C ALA A 16 -13.15 2.19 -12.30
N ASN A 17 -14.38 2.60 -11.95
CA ASN A 17 -15.11 3.55 -12.78
C ASN A 17 -15.13 4.96 -12.16
N GLN A 18 -14.24 5.17 -11.20
CA GLN A 18 -14.13 6.45 -10.49
C GLN A 18 -12.67 6.83 -10.25
N ILE A 19 -11.74 6.37 -11.10
CA ILE A 19 -10.33 6.72 -10.93
C ILE A 19 -9.95 7.94 -11.80
N LEU A 20 -8.73 8.42 -11.58
CA LEU A 20 -8.21 9.55 -12.33
C LEU A 20 -7.82 8.97 -13.70
N SER A 21 -8.54 9.38 -14.74
CA SER A 21 -8.31 8.89 -16.10
C SER A 21 -7.04 9.37 -16.80
N TYR A 22 -6.46 10.44 -16.30
CA TYR A 22 -5.25 10.98 -16.91
C TYR A 22 -4.07 10.85 -15.95
N GLY A 23 -3.44 9.68 -16.00
CA GLY A 23 -2.32 9.34 -15.15
C GLY A 23 -0.99 10.07 -15.31
N ALA A 24 -0.14 9.90 -14.31
CA ALA A 24 1.20 10.52 -14.26
C ALA A 24 2.07 10.15 -15.46
N GLU A 25 1.86 8.97 -16.03
CA GLU A 25 2.66 8.54 -17.17
C GLU A 25 2.45 9.47 -18.34
N LEU A 26 1.42 10.30 -18.26
CA LEU A 26 1.14 11.27 -19.31
C LEU A 26 1.81 12.63 -19.04
N ASP A 27 2.45 12.81 -17.88
CA ASP A 27 3.09 14.10 -17.60
C ASP A 27 4.43 14.21 -18.34
N ALA A 28 4.79 15.42 -18.73
CA ALA A 28 6.01 15.67 -19.47
C ALA A 28 7.29 15.28 -18.74
N ASP A 29 7.26 15.36 -17.42
CA ASP A 29 8.46 15.01 -16.65
C ASP A 29 8.46 13.57 -16.13
N HIS A 30 7.56 12.74 -16.63
CA HIS A 30 7.55 11.34 -16.22
C HIS A 30 8.69 10.64 -16.94
N PRO A 31 9.47 9.80 -16.25
CA PRO A 31 10.62 9.07 -16.81
C PRO A 31 10.34 8.37 -18.13
N GLY A 32 9.09 8.02 -18.38
CA GLY A 32 8.76 7.33 -19.62
C GLY A 32 7.85 8.09 -20.57
N PHE A 33 7.71 9.38 -20.33
CA PHE A 33 6.86 10.27 -21.14
C PHE A 33 7.08 10.20 -22.66
N LYS A 34 8.33 10.23 -23.10
CA LYS A 34 8.66 10.19 -24.54
C LYS A 34 8.67 8.80 -25.13
N ASP A 35 8.44 7.79 -24.29
CA ASP A 35 8.47 6.41 -24.75
C ASP A 35 7.06 5.90 -25.07
N PRO A 36 6.67 5.91 -26.35
CA PRO A 36 5.33 5.45 -26.73
C PRO A 36 5.07 3.97 -26.44
N VAL A 37 6.13 3.17 -26.43
CA VAL A 37 6.00 1.74 -26.15
C VAL A 37 5.61 1.59 -24.69
N TYR A 38 6.24 2.39 -23.84
CA TYR A 38 5.95 2.37 -22.42
C TYR A 38 4.49 2.83 -22.25
N ARG A 39 4.16 3.89 -22.97
CA ARG A 39 2.82 4.43 -22.93
C ARG A 39 1.79 3.33 -23.21
N ALA A 40 2.00 2.54 -24.26
CA ALA A 40 1.03 1.46 -24.59
C ALA A 40 1.02 0.37 -23.56
N ARG A 41 2.19 0.08 -23.00
CA ARG A 41 2.34 -0.94 -21.98
C ARG A 41 1.50 -0.57 -20.74
N ARG A 42 1.58 0.70 -20.37
CA ARG A 42 0.82 1.20 -19.24
C ARG A 42 -0.67 1.07 -19.50
N LYS A 43 -1.09 1.44 -20.71
CA LYS A 43 -2.50 1.35 -21.10
C LYS A 43 -2.94 -0.11 -21.01
N GLN A 44 -2.04 -1.02 -21.39
CA GLN A 44 -2.39 -2.44 -21.38
C GLN A 44 -2.66 -2.90 -19.94
N PHE A 45 -1.82 -2.43 -19.01
CA PHE A 45 -2.02 -2.80 -17.60
C PHE A 45 -3.29 -2.11 -17.10
N ALA A 46 -3.55 -0.90 -17.57
CA ALA A 46 -4.74 -0.19 -17.14
C ALA A 46 -6.01 -0.92 -17.62
N ASP A 47 -5.97 -1.49 -18.83
CA ASP A 47 -7.12 -2.23 -19.34
C ASP A 47 -7.39 -3.48 -18.50
N ILE A 48 -6.33 -4.12 -18.00
CA ILE A 48 -6.51 -5.31 -17.15
C ILE A 48 -7.21 -4.93 -15.83
N ALA A 49 -6.82 -3.81 -15.24
CA ALA A 49 -7.46 -3.43 -13.99
C ALA A 49 -8.92 -3.01 -14.29
N TYR A 50 -9.10 -2.28 -15.37
CA TYR A 50 -10.42 -1.81 -15.74
C TYR A 50 -11.43 -2.93 -15.94
N ASN A 51 -11.01 -4.04 -16.54
CA ASN A 51 -11.90 -5.16 -16.80
C ASN A 51 -11.88 -6.23 -15.74
N TYR A 52 -11.11 -6.01 -14.69
CA TYR A 52 -11.06 -7.00 -13.63
C TYR A 52 -12.36 -6.88 -12.82
N ARG A 53 -12.80 -8.00 -12.24
CA ARG A 53 -14.01 -7.96 -11.44
C ARG A 53 -13.73 -8.82 -10.22
N HIS A 54 -14.32 -8.44 -9.09
CA HIS A 54 -14.04 -9.21 -7.89
C HIS A 54 -14.32 -10.68 -8.10
N GLY A 55 -13.48 -11.52 -7.50
CA GLY A 55 -13.65 -12.96 -7.60
C GLY A 55 -12.90 -13.63 -8.74
N GLN A 56 -12.55 -12.87 -9.76
CA GLN A 56 -11.83 -13.42 -10.90
C GLN A 56 -10.37 -13.58 -10.54
N PRO A 57 -9.68 -14.55 -11.15
CA PRO A 57 -8.26 -14.64 -10.80
C PRO A 57 -7.62 -13.39 -11.44
N ILE A 58 -6.45 -12.98 -10.98
CA ILE A 58 -5.84 -11.80 -11.59
C ILE A 58 -5.00 -12.24 -12.77
N PRO A 59 -5.28 -11.69 -13.96
CA PRO A 59 -4.55 -12.03 -15.17
C PRO A 59 -3.05 -12.05 -14.99
N ARG A 60 -2.42 -13.11 -15.49
CA ARG A 60 -0.97 -13.20 -15.46
C ARG A 60 -0.46 -12.40 -16.66
N VAL A 61 0.75 -11.85 -16.55
CA VAL A 61 1.30 -11.08 -17.67
C VAL A 61 2.73 -11.49 -17.89
N GLU A 62 3.10 -11.65 -19.14
CA GLU A 62 4.48 -12.02 -19.40
C GLU A 62 5.24 -10.70 -19.46
N TYR A 63 6.14 -10.50 -18.50
CA TYR A 63 6.91 -9.28 -18.44
C TYR A 63 8.09 -9.32 -19.44
N MET A 64 8.38 -8.18 -20.05
CA MET A 64 9.47 -8.07 -21.02
C MET A 64 10.83 -8.23 -20.31
N GLU A 65 11.89 -8.48 -21.07
CA GLU A 65 13.23 -8.67 -20.45
C GLU A 65 13.65 -7.37 -19.75
N GLU A 66 13.35 -6.24 -20.40
CA GLU A 66 13.68 -4.91 -19.91
C GLU A 66 13.00 -4.65 -18.58
N GLU A 67 11.74 -5.06 -18.46
CA GLU A 67 10.98 -4.88 -17.20
C GLU A 67 11.57 -5.77 -16.09
N LYS A 68 11.91 -7.01 -16.42
CA LYS A 68 12.49 -7.93 -15.44
C LYS A 68 13.84 -7.39 -14.96
N LYS A 69 14.53 -6.67 -15.85
CA LYS A 69 15.80 -6.07 -15.49
C LYS A 69 15.59 -4.97 -14.44
N THR A 70 14.61 -4.09 -14.66
CA THR A 70 14.32 -2.99 -13.72
C THR A 70 13.95 -3.54 -12.36
N TRP A 71 13.22 -4.64 -12.36
CA TRP A 71 12.83 -5.26 -11.12
C TRP A 71 14.09 -5.85 -10.46
N GLY A 72 14.98 -6.44 -11.25
CA GLY A 72 16.18 -7.03 -10.66
C GLY A 72 16.98 -6.00 -9.89
N THR A 73 17.27 -4.89 -10.57
CA THR A 73 18.01 -3.79 -9.97
C THR A 73 17.37 -3.31 -8.67
N VAL A 74 16.06 -3.04 -8.70
CA VAL A 74 15.35 -2.57 -7.51
C VAL A 74 15.39 -3.62 -6.39
N PHE A 75 15.20 -4.88 -6.76
CA PHE A 75 15.21 -5.98 -5.81
C PHE A 75 16.57 -6.17 -5.15
N LYS A 76 17.62 -6.22 -5.96
CA LYS A 76 18.93 -6.47 -5.36
C LYS A 76 19.46 -5.37 -4.50
N THR A 77 19.28 -4.13 -4.93
CA THR A 77 19.80 -3.03 -4.14
C THR A 77 18.97 -2.86 -2.87
N LEU A 78 17.66 -3.07 -2.93
CA LEU A 78 16.87 -2.93 -1.71
C LEU A 78 17.05 -4.08 -0.72
N LYS A 79 17.16 -5.32 -1.22
CA LYS A 79 17.28 -6.48 -0.34
C LYS A 79 18.41 -6.39 0.68
N SER A 80 19.56 -5.85 0.28
CA SER A 80 20.71 -5.74 1.18
C SER A 80 20.38 -5.02 2.49
N LEU A 81 19.41 -4.11 2.44
CA LEU A 81 19.02 -3.32 3.62
C LEU A 81 18.02 -3.91 4.61
N TYR A 82 17.17 -4.81 4.14
CA TYR A 82 16.09 -5.36 4.97
C TYR A 82 16.44 -6.01 6.29
N LYS A 83 17.46 -6.85 6.26
CA LYS A 83 17.94 -7.56 7.41
C LYS A 83 18.19 -6.60 8.56
N THR A 84 18.74 -5.43 8.25
CA THR A 84 19.05 -4.48 9.31
C THR A 84 18.14 -3.26 9.44
N HIS A 85 17.31 -2.99 8.43
CA HIS A 85 16.45 -1.80 8.47
C HIS A 85 14.94 -2.03 8.59
N ALA A 86 14.47 -3.16 8.05
CA ALA A 86 13.06 -3.52 8.09
C ALA A 86 12.67 -4.15 9.43
N CYS A 87 11.47 -3.84 9.88
CA CYS A 87 11.00 -4.35 11.15
C CYS A 87 10.85 -5.87 11.08
N TYR A 88 10.79 -6.51 12.25
CA TYR A 88 10.67 -7.97 12.34
C TYR A 88 9.61 -8.66 11.42
N GLU A 89 8.37 -8.17 11.43
CA GLU A 89 7.31 -8.78 10.61
C GLU A 89 7.73 -8.87 9.14
N TYR A 90 8.53 -7.91 8.71
CA TYR A 90 8.98 -7.89 7.34
C TYR A 90 9.95 -9.02 7.06
N ASN A 91 11.00 -9.10 7.88
CA ASN A 91 12.02 -10.13 7.68
C ASN A 91 11.51 -11.54 7.90
N HIS A 92 10.58 -11.68 8.84
CA HIS A 92 10.03 -12.99 9.14
C HIS A 92 9.31 -13.52 7.91
N ILE A 93 8.61 -12.66 7.19
CA ILE A 93 7.88 -13.12 6.01
C ILE A 93 8.65 -13.14 4.68
N PHE A 94 9.69 -12.30 4.56
CA PHE A 94 10.40 -12.25 3.27
C PHE A 94 10.87 -13.58 2.70
N PRO A 95 11.43 -14.48 3.55
CA PRO A 95 11.89 -15.77 3.01
C PRO A 95 10.72 -16.58 2.41
N LEU A 96 9.58 -16.58 3.10
CA LEU A 96 8.40 -17.28 2.63
C LEU A 96 7.98 -16.71 1.28
N LEU A 97 8.01 -15.38 1.16
CA LEU A 97 7.68 -14.78 -0.12
C LEU A 97 8.67 -15.30 -1.19
N GLU A 98 9.93 -15.46 -0.79
CA GLU A 98 10.94 -15.98 -1.73
C GLU A 98 10.66 -17.42 -2.17
N LYS A 99 10.28 -18.30 -1.23
CA LYS A 99 10.00 -19.69 -1.62
C LYS A 99 8.71 -19.91 -2.39
N TYR A 100 7.62 -19.29 -1.93
CA TYR A 100 6.32 -19.51 -2.54
C TYR A 100 5.80 -18.52 -3.57
N CYS A 101 6.45 -17.37 -3.73
CA CYS A 101 5.97 -16.40 -4.70
C CYS A 101 6.90 -15.98 -5.82
N GLY A 102 8.11 -16.52 -5.83
CA GLY A 102 9.03 -16.14 -6.87
C GLY A 102 9.68 -14.80 -6.64
N PHE A 103 9.79 -14.39 -5.37
CA PHE A 103 10.45 -13.10 -5.10
C PHE A 103 11.93 -13.34 -5.32
N HIS A 104 12.39 -13.03 -6.53
CA HIS A 104 13.79 -13.21 -6.89
C HIS A 104 14.13 -12.16 -7.91
N GLU A 105 15.42 -11.83 -7.98
CA GLU A 105 15.94 -10.79 -8.88
C GLU A 105 15.53 -10.96 -10.32
N ASP A 106 15.46 -12.21 -10.78
CA ASP A 106 15.15 -12.46 -12.19
C ASP A 106 13.70 -12.79 -12.52
N ASN A 107 12.79 -12.51 -11.59
CA ASN A 107 11.41 -12.83 -11.83
C ASN A 107 10.43 -11.84 -11.20
N ILE A 108 9.51 -11.31 -11.97
CA ILE A 108 8.55 -10.42 -11.36
C ILE A 108 7.38 -11.30 -10.94
N PRO A 109 7.09 -11.38 -9.64
CA PRO A 109 5.96 -12.21 -9.17
C PRO A 109 4.64 -11.77 -9.79
N GLN A 110 3.78 -12.74 -10.07
CA GLN A 110 2.47 -12.48 -10.63
C GLN A 110 1.50 -12.14 -9.47
N LEU A 111 0.65 -11.11 -9.67
CA LEU A 111 -0.27 -10.71 -8.60
C LEU A 111 -1.19 -11.82 -8.11
N GLU A 112 -1.61 -12.72 -8.99
CA GLU A 112 -2.49 -13.81 -8.56
C GLU A 112 -1.81 -14.67 -7.49
N ASP A 113 -0.55 -15.05 -7.69
CA ASP A 113 0.17 -15.86 -6.71
C ASP A 113 0.39 -15.08 -5.40
N VAL A 114 0.67 -13.79 -5.51
CA VAL A 114 0.89 -13.01 -4.31
C VAL A 114 -0.46 -12.91 -3.57
N SER A 115 -1.54 -12.67 -4.30
CA SER A 115 -2.87 -12.57 -3.68
C SER A 115 -3.24 -13.87 -2.90
N GLN A 116 -3.10 -15.02 -3.54
CA GLN A 116 -3.41 -16.30 -2.90
C GLN A 116 -2.61 -16.43 -1.60
N PHE A 117 -1.31 -16.12 -1.70
CA PHE A 117 -0.42 -16.18 -0.54
C PHE A 117 -0.89 -15.24 0.59
N LEU A 118 -1.28 -14.00 0.27
CA LEU A 118 -1.76 -13.11 1.33
C LEU A 118 -3.05 -13.70 1.90
N GLN A 119 -3.88 -14.26 1.02
CA GLN A 119 -5.13 -14.82 1.50
C GLN A 119 -4.91 -15.89 2.57
N THR A 120 -3.94 -16.80 2.37
CA THR A 120 -3.70 -17.81 3.38
C THR A 120 -2.99 -17.23 4.61
N CYS A 121 -2.48 -16.00 4.51
CA CYS A 121 -1.81 -15.44 5.69
C CYS A 121 -2.77 -14.67 6.58
N THR A 122 -3.59 -13.83 5.96
CA THR A 122 -4.48 -12.98 6.74
C THR A 122 -5.79 -12.73 6.04
N GLY A 123 -6.04 -13.40 4.94
CA GLY A 123 -7.29 -13.14 4.22
C GLY A 123 -7.14 -11.90 3.33
N PHE A 124 -5.98 -11.23 3.38
CA PHE A 124 -5.82 -10.07 2.52
C PHE A 124 -5.74 -10.56 1.10
N ARG A 125 -6.22 -9.73 0.18
CA ARG A 125 -6.14 -10.10 -1.22
C ARG A 125 -5.82 -8.86 -2.02
N LEU A 126 -5.37 -9.04 -3.25
CA LEU A 126 -5.08 -7.89 -4.08
C LEU A 126 -6.09 -7.84 -5.20
N ARG A 127 -6.18 -6.68 -5.81
CA ARG A 127 -6.98 -6.52 -7.01
C ARG A 127 -6.16 -5.49 -7.79
N PRO A 128 -5.96 -5.75 -9.09
CA PRO A 128 -5.19 -4.85 -9.95
C PRO A 128 -5.91 -3.53 -10.05
N VAL A 129 -5.16 -2.44 -9.93
CA VAL A 129 -5.78 -1.14 -10.03
C VAL A 129 -5.12 -0.37 -11.16
N ALA A 130 -5.93 0.37 -11.91
CA ALA A 130 -5.45 1.14 -13.06
C ALA A 130 -4.48 2.25 -12.71
N GLY A 131 -4.89 3.11 -11.80
CA GLY A 131 -4.07 4.23 -11.38
C GLY A 131 -4.46 4.65 -9.98
N LEU A 132 -4.41 5.96 -9.69
CA LEU A 132 -4.74 6.44 -8.37
C LEU A 132 -6.22 6.59 -8.05
N LEU A 133 -6.64 5.88 -7.02
CA LEU A 133 -8.01 5.93 -6.55
C LEU A 133 -8.10 7.12 -5.61
N SER A 134 -9.32 7.59 -5.41
CA SER A 134 -9.53 8.65 -4.42
C SER A 134 -9.12 7.99 -3.08
N SER A 135 -8.78 8.78 -2.08
CA SER A 135 -8.40 8.28 -0.78
C SER A 135 -9.57 7.49 -0.19
N ARG A 136 -10.79 7.97 -0.42
CA ARG A 136 -11.98 7.31 0.10
C ARG A 136 -12.16 5.91 -0.47
N ASP A 137 -11.89 5.72 -1.76
CA ASP A 137 -12.07 4.38 -2.32
C ASP A 137 -10.88 3.50 -2.00
N PHE A 138 -9.69 4.10 -1.98
CA PHE A 138 -8.53 3.33 -1.68
C PHE A 138 -8.59 2.79 -0.28
N LEU A 139 -8.87 3.66 0.68
CA LEU A 139 -8.94 3.26 2.07
C LEU A 139 -10.12 2.32 2.30
N GLY A 140 -11.22 2.57 1.56
CA GLY A 140 -12.41 1.74 1.68
C GLY A 140 -12.12 0.27 1.43
N GLY A 141 -11.26 0.00 0.46
CA GLY A 141 -10.92 -1.38 0.16
C GLY A 141 -10.31 -2.10 1.35
N LEU A 142 -9.52 -1.38 2.14
CA LEU A 142 -8.87 -1.99 3.30
C LEU A 142 -9.84 -2.61 4.31
N ALA A 143 -11.04 -2.02 4.44
CA ALA A 143 -12.06 -2.56 5.37
C ALA A 143 -12.38 -4.02 5.02
N PHE A 144 -12.20 -4.36 3.75
CA PHE A 144 -12.49 -5.74 3.30
C PHE A 144 -11.20 -6.57 3.18
N ARG A 145 -10.13 -6.07 3.77
CA ARG A 145 -8.81 -6.68 3.64
C ARG A 145 -8.50 -6.86 2.15
N VAL A 146 -8.78 -5.81 1.38
CA VAL A 146 -8.50 -5.77 -0.07
C VAL A 146 -7.53 -4.60 -0.34
N PHE A 147 -6.46 -4.90 -1.08
CA PHE A 147 -5.46 -3.90 -1.43
C PHE A 147 -5.41 -3.68 -2.94
N HIS A 148 -5.79 -2.48 -3.40
CA HIS A 148 -5.74 -2.14 -4.84
C HIS A 148 -4.24 -2.01 -5.16
N CYS A 149 -3.75 -2.92 -5.98
CA CYS A 149 -2.34 -3.03 -6.28
C CYS A 149 -1.97 -2.78 -7.73
N THR A 150 -1.01 -1.88 -7.96
CA THR A 150 -0.63 -1.64 -9.36
C THR A 150 0.12 -2.85 -9.90
N GLN A 151 0.03 -3.02 -11.22
CA GLN A 151 0.66 -4.15 -11.86
C GLN A 151 1.74 -3.72 -12.87
N TYR A 152 1.72 -2.47 -13.31
CA TYR A 152 2.74 -2.00 -14.25
C TYR A 152 4.05 -1.73 -13.48
N ILE A 153 5.17 -1.55 -14.17
CA ILE A 153 6.44 -1.26 -13.53
C ILE A 153 6.97 0.12 -13.98
N ARG A 154 7.77 0.77 -13.14
CA ARG A 154 8.35 2.07 -13.46
C ARG A 154 9.15 1.97 -14.78
N HIS A 155 9.43 3.11 -15.39
CA HIS A 155 10.18 3.12 -16.65
C HIS A 155 11.62 2.69 -16.40
N GLY A 156 12.14 1.79 -17.24
CA GLY A 156 13.50 1.29 -17.12
C GLY A 156 14.67 2.30 -17.12
N SER A 157 14.45 3.52 -17.61
CA SER A 157 15.55 4.50 -17.65
C SER A 157 15.97 4.93 -16.24
N LYS A 158 15.03 4.90 -15.30
CA LYS A 158 15.34 5.31 -13.94
C LYS A 158 14.85 4.27 -12.96
N PRO A 159 15.56 3.13 -12.88
CA PRO A 159 15.19 2.04 -11.98
C PRO A 159 15.08 2.37 -10.49
N MET A 160 15.91 3.27 -9.98
CA MET A 160 15.89 3.61 -8.56
C MET A 160 14.95 4.76 -8.22
N TYR A 161 14.12 5.12 -9.20
CA TYR A 161 13.18 6.22 -9.02
C TYR A 161 11.79 5.99 -9.60
N THR A 162 10.77 6.40 -8.85
CA THR A 162 9.41 6.36 -9.36
C THR A 162 8.58 7.43 -8.66
N PRO A 163 7.86 8.26 -9.44
CA PRO A 163 7.02 9.35 -8.90
C PRO A 163 5.63 8.85 -8.53
N GLU A 164 5.46 7.54 -8.59
CA GLU A 164 4.16 6.95 -8.32
C GLU A 164 4.32 5.52 -7.81
N PRO A 165 3.23 4.90 -7.33
CA PRO A 165 3.48 3.52 -6.90
C PRO A 165 3.65 2.68 -8.18
N ASP A 166 4.37 1.58 -8.11
CA ASP A 166 4.51 0.69 -9.25
C ASP A 166 4.64 -0.66 -8.58
N ILE A 167 4.72 -1.72 -9.36
CA ILE A 167 4.77 -3.05 -8.78
C ILE A 167 5.90 -3.32 -7.78
N CYS A 168 7.09 -2.75 -8.01
CA CYS A 168 8.21 -2.96 -7.09
C CYS A 168 7.81 -2.44 -5.72
N HIS A 169 7.21 -1.25 -5.71
CA HIS A 169 6.75 -0.64 -4.47
C HIS A 169 5.63 -1.46 -3.81
N GLU A 170 4.67 -1.98 -4.58
CA GLU A 170 3.59 -2.75 -3.96
C GLU A 170 4.12 -4.05 -3.33
N LEU A 171 4.93 -4.79 -4.09
CA LEU A 171 5.45 -6.08 -3.65
C LEU A 171 6.56 -6.02 -2.58
N LEU A 172 7.52 -5.12 -2.76
CA LEU A 172 8.62 -5.02 -1.81
C LEU A 172 8.25 -4.11 -0.65
N GLY A 173 7.31 -3.19 -0.88
CA GLY A 173 6.92 -2.26 0.16
C GLY A 173 5.74 -2.68 1.05
N HIS A 174 4.57 -2.88 0.44
CA HIS A 174 3.32 -3.23 1.12
C HIS A 174 3.09 -4.69 1.44
N VAL A 175 3.23 -5.55 0.42
CA VAL A 175 2.96 -6.96 0.60
C VAL A 175 3.50 -7.67 1.85
N PRO A 176 4.79 -7.50 2.16
CA PRO A 176 5.23 -8.22 3.36
C PRO A 176 4.48 -7.89 4.65
N LEU A 177 4.05 -6.63 4.81
CA LEU A 177 3.31 -6.24 6.01
C LEU A 177 1.86 -6.77 6.03
N PHE A 178 1.23 -6.85 4.85
CA PHE A 178 -0.16 -7.36 4.79
C PHE A 178 -0.21 -8.86 5.12
N SER A 179 0.95 -9.48 5.22
CA SER A 179 1.04 -10.88 5.54
C SER A 179 1.04 -11.10 7.04
N ASP A 180 1.15 -10.01 7.77
CA ASP A 180 1.17 -10.10 9.23
C ASP A 180 -0.22 -9.84 9.80
N ARG A 181 -0.62 -10.70 10.73
CA ARG A 181 -1.93 -10.60 11.33
C ARG A 181 -2.19 -9.25 11.94
N SER A 182 -1.36 -8.85 12.90
CA SER A 182 -1.52 -7.55 13.55
C SER A 182 -1.58 -6.42 12.55
N PHE A 183 -0.64 -6.40 11.59
CA PHE A 183 -0.64 -5.31 10.63
C PHE A 183 -1.93 -5.35 9.83
N ALA A 184 -2.33 -6.56 9.45
CA ALA A 184 -3.55 -6.75 8.67
C ALA A 184 -4.69 -6.10 9.38
N GLN A 185 -4.84 -6.43 10.67
CA GLN A 185 -5.95 -5.87 11.44
C GLN A 185 -5.83 -4.36 11.58
N PHE A 186 -4.61 -3.87 11.81
CA PHE A 186 -4.42 -2.45 11.96
C PHE A 186 -4.81 -1.68 10.65
N SER A 187 -4.37 -2.18 9.50
CA SER A 187 -4.68 -1.48 8.26
C SER A 187 -6.19 -1.56 7.97
N GLN A 188 -6.82 -2.66 8.42
CA GLN A 188 -8.27 -2.81 8.24
C GLN A 188 -9.02 -1.76 9.08
N GLU A 189 -8.51 -1.49 10.27
CA GLU A 189 -9.15 -0.52 11.15
C GLU A 189 -9.20 0.84 10.43
N ILE A 190 -8.13 1.18 9.72
CA ILE A 190 -8.10 2.43 8.97
C ILE A 190 -9.21 2.36 7.93
N GLY A 191 -9.29 1.24 7.22
CA GLY A 191 -10.33 1.06 6.21
C GLY A 191 -11.72 1.26 6.83
N LEU A 192 -11.99 0.59 7.93
CA LEU A 192 -13.29 0.68 8.59
C LEU A 192 -13.59 2.10 9.02
N ALA A 193 -12.57 2.79 9.53
CA ALA A 193 -12.75 4.16 9.97
C ALA A 193 -13.16 5.08 8.82
N SER A 194 -12.83 4.71 7.58
CA SER A 194 -13.18 5.59 6.46
C SER A 194 -14.59 5.44 5.87
N LEU A 195 -15.24 4.30 6.11
CA LEU A 195 -16.56 4.08 5.51
C LEU A 195 -17.67 5.09 5.88
N GLY A 196 -18.16 5.80 4.85
CA GLY A 196 -19.23 6.77 5.04
C GLY A 196 -18.75 7.97 5.82
N THR A 197 -17.44 8.11 5.92
CA THR A 197 -16.84 9.21 6.67
C THR A 197 -16.83 10.52 5.86
N PRO A 198 -16.95 11.67 6.53
CA PRO A 198 -16.94 12.92 5.76
C PRO A 198 -15.55 13.19 5.13
N ASP A 199 -15.53 13.84 3.96
CA ASP A 199 -14.30 14.15 3.24
C ASP A 199 -13.21 14.73 4.13
N GLU A 200 -13.54 15.72 4.95
CA GLU A 200 -12.52 16.33 5.79
C GLU A 200 -11.87 15.30 6.71
N TYR A 201 -12.60 14.24 7.05
CA TYR A 201 -12.03 13.22 7.92
C TYR A 201 -11.29 12.16 7.16
N ILE A 202 -11.68 11.97 5.90
CA ILE A 202 -11.01 11.00 5.03
C ILE A 202 -9.57 11.52 4.90
N GLU A 203 -9.44 12.84 4.75
CA GLU A 203 -8.13 13.45 4.59
C GLU A 203 -7.26 13.20 5.80
N LYS A 204 -7.89 13.21 6.97
CA LYS A 204 -7.16 12.98 8.20
C LYS A 204 -6.71 11.54 8.24
N LEU A 205 -7.57 10.64 7.79
CA LEU A 205 -7.22 9.23 7.79
C LEU A 205 -6.12 8.97 6.75
N ALA A 206 -6.13 9.69 5.62
CA ALA A 206 -5.10 9.53 4.59
C ALA A 206 -3.76 9.93 5.16
N THR A 207 -3.74 11.02 5.93
CA THR A 207 -2.54 11.52 6.55
C THR A 207 -2.02 10.51 7.58
N ILE A 208 -2.91 9.91 8.37
CA ILE A 208 -2.48 8.88 9.33
C ILE A 208 -1.85 7.68 8.55
N TYR A 209 -2.50 7.30 7.46
CA TYR A 209 -2.01 6.19 6.63
C TYR A 209 -0.58 6.49 6.12
N TRP A 210 -0.37 7.74 5.71
CA TRP A 210 0.91 8.20 5.19
C TRP A 210 2.00 7.97 6.20
N PHE A 211 1.70 8.32 7.46
CA PHE A 211 2.65 8.24 8.54
C PHE A 211 2.78 6.88 9.21
N THR A 212 2.02 5.90 8.72
CA THR A 212 2.09 4.56 9.26
C THR A 212 2.36 3.57 8.11
N VAL A 213 1.30 3.20 7.39
CA VAL A 213 1.43 2.28 6.28
C VAL A 213 2.49 2.68 5.25
N GLU A 214 2.59 3.98 4.93
CA GLU A 214 3.54 4.41 3.92
C GLU A 214 4.92 4.75 4.49
N PHE A 215 4.99 5.52 5.57
CA PHE A 215 6.29 5.93 6.14
C PHE A 215 6.48 5.73 7.65
N GLY A 216 5.83 4.70 8.16
CA GLY A 216 5.92 4.42 9.59
C GLY A 216 7.19 3.75 10.07
N LEU A 217 7.54 4.02 11.32
CA LEU A 217 8.70 3.41 11.99
C LEU A 217 8.09 2.63 13.14
N CYS A 218 8.62 1.46 13.46
CA CYS A 218 8.08 0.67 14.56
C CYS A 218 9.10 0.57 15.66
N LYS A 219 8.61 0.39 16.89
CA LYS A 219 9.51 0.25 18.03
C LYS A 219 9.70 -1.25 18.12
N GLN A 220 10.95 -1.68 18.13
CA GLN A 220 11.26 -3.10 18.19
C GLN A 220 12.20 -3.25 19.37
N GLY A 221 11.62 -3.64 20.50
CA GLY A 221 12.41 -3.77 21.70
C GLY A 221 12.94 -2.38 21.96
N ASP A 222 14.25 -2.27 22.19
CA ASP A 222 14.85 -0.98 22.46
C ASP A 222 15.28 -0.30 21.17
N SER A 223 15.12 -1.00 20.04
CA SER A 223 15.51 -0.46 18.72
C SER A 223 14.32 0.07 17.90
N ILE A 224 14.63 0.62 16.73
CA ILE A 224 13.62 1.15 15.82
C ILE A 224 13.86 0.67 14.41
N LYS A 225 12.77 0.34 13.70
CA LYS A 225 12.86 -0.16 12.34
C LYS A 225 11.73 0.43 11.48
N ALA A 226 11.85 0.21 10.19
CA ALA A 226 10.89 0.71 9.23
C ALA A 226 9.89 -0.36 8.84
N TYR A 227 8.63 0.04 8.69
CA TYR A 227 7.57 -0.87 8.26
C TYR A 227 6.79 -0.15 7.19
N GLY A 228 7.01 1.17 7.06
CA GLY A 228 6.31 1.95 6.04
C GLY A 228 6.70 1.48 4.65
N ALA A 229 5.71 1.20 3.80
CA ALA A 229 6.01 0.71 2.44
C ALA A 229 6.82 1.71 1.58
N GLY A 230 6.54 2.99 1.77
CA GLY A 230 7.26 4.00 1.00
C GLY A 230 8.74 4.00 1.37
N LEU A 231 9.03 3.63 2.61
CA LEU A 231 10.41 3.55 3.10
C LEU A 231 11.08 2.26 2.63
N LEU A 232 10.34 1.15 2.73
CA LEU A 232 10.86 -0.15 2.37
C LEU A 232 11.11 -0.27 0.89
N SER A 233 10.57 0.68 0.11
CA SER A 233 10.78 0.63 -1.33
C SER A 233 11.66 1.76 -1.82
N SER A 234 12.34 2.42 -0.90
CA SER A 234 13.22 3.54 -1.24
C SER A 234 14.61 3.36 -0.63
N PHE A 235 15.55 2.88 -1.44
CA PHE A 235 16.90 2.63 -0.96
C PHE A 235 17.44 3.80 -0.12
N GLY A 236 17.32 5.00 -0.65
CA GLY A 236 17.85 6.17 0.04
C GLY A 236 17.16 6.52 1.34
N GLU A 237 15.84 6.64 1.30
CA GLU A 237 15.12 6.99 2.49
C GLU A 237 15.12 5.88 3.54
N LEU A 238 15.25 4.62 3.13
CA LEU A 238 15.25 3.56 4.13
C LEU A 238 16.47 3.70 5.02
N GLN A 239 17.63 4.03 4.44
CA GLN A 239 18.86 4.19 5.24
C GLN A 239 18.79 5.48 6.05
N TYR A 240 18.24 6.50 5.42
CA TYR A 240 18.13 7.81 6.08
C TYR A 240 17.21 7.81 7.29
N CYS A 241 16.04 7.20 7.16
CA CYS A 241 15.02 7.18 8.23
C CYS A 241 15.53 6.61 9.54
N LEU A 242 16.56 5.76 9.49
CA LEU A 242 17.10 5.20 10.71
C LEU A 242 18.43 5.87 11.09
N SER A 243 18.74 7.00 10.44
CA SER A 243 19.99 7.69 10.78
C SER A 243 19.66 8.73 11.83
N GLU A 244 20.62 9.61 12.13
CA GLU A 244 20.39 10.62 13.16
C GLU A 244 19.70 11.87 12.63
N LYS A 245 19.50 11.96 11.33
CA LYS A 245 18.93 13.20 10.76
C LYS A 245 17.45 13.48 10.95
N PRO A 246 16.57 12.53 10.62
CA PRO A 246 15.15 12.84 10.81
C PRO A 246 14.77 13.01 12.26
N LYS A 247 13.65 13.67 12.47
CA LYS A 247 13.13 13.87 13.82
C LYS A 247 12.07 12.80 14.03
N LEU A 248 12.13 12.13 15.18
CA LEU A 248 11.15 11.09 15.49
C LEU A 248 10.23 11.50 16.64
N LEU A 249 8.94 11.20 16.49
CA LEU A 249 7.93 11.49 17.50
C LEU A 249 7.08 10.24 17.64
N PRO A 250 6.51 10.03 18.83
CA PRO A 250 5.67 8.83 19.03
C PRO A 250 4.33 9.02 18.31
N LEU A 251 3.83 7.93 17.72
CA LEU A 251 2.55 7.97 17.02
C LEU A 251 1.50 8.51 18.00
N GLU A 252 0.84 9.60 17.63
CA GLU A 252 -0.19 10.24 18.47
C GLU A 252 -1.21 10.81 17.47
N LEU A 253 -2.29 10.09 17.25
CA LEU A 253 -3.25 10.47 16.23
C LEU A 253 -3.80 11.88 16.12
N GLU A 254 -4.12 12.54 17.23
CA GLU A 254 -4.64 13.90 17.11
C GLU A 254 -3.57 14.80 16.46
N LYS A 255 -2.29 14.50 16.69
CA LYS A 255 -1.22 15.29 16.09
C LYS A 255 -0.84 14.73 14.72
N THR A 256 -0.61 13.42 14.65
CA THR A 256 -0.23 12.80 13.39
C THR A 256 -1.23 13.16 12.28
N ALA A 257 -2.53 13.05 12.56
CA ALA A 257 -3.58 13.31 11.59
C ALA A 257 -3.62 14.69 10.94
N ILE A 258 -3.00 15.70 11.54
CA ILE A 258 -3.04 17.03 10.94
C ILE A 258 -1.65 17.52 10.52
N GLN A 259 -0.65 16.65 10.70
CA GLN A 259 0.73 16.97 10.35
C GLN A 259 0.93 17.02 8.85
N ASN A 260 1.42 18.15 8.34
CA ASN A 260 1.67 18.29 6.90
C ASN A 260 2.86 17.45 6.46
N TYR A 261 2.96 17.24 5.15
CA TYR A 261 4.09 16.49 4.59
C TYR A 261 4.14 16.73 3.08
N THR A 262 5.27 16.46 2.47
CA THR A 262 5.35 16.60 1.02
C THR A 262 5.92 15.26 0.56
N VAL A 263 5.56 14.82 -0.62
CA VAL A 263 6.03 13.53 -1.08
C VAL A 263 7.24 13.66 -1.99
N THR A 264 7.84 14.85 -2.02
CA THR A 264 8.97 15.05 -2.91
C THR A 264 10.37 14.81 -2.36
N GLU A 265 10.57 14.98 -1.06
CA GLU A 265 11.92 14.74 -0.53
C GLU A 265 11.81 13.76 0.62
N PHE A 266 12.95 13.44 1.24
CA PHE A 266 12.91 12.54 2.39
C PHE A 266 12.05 13.23 3.46
N GLN A 267 11.33 12.45 4.25
CA GLN A 267 10.51 13.01 5.30
C GLN A 267 11.43 13.59 6.40
N PRO A 268 11.11 14.79 6.90
CA PRO A 268 11.87 15.48 7.96
C PRO A 268 11.46 14.86 9.32
N LEU A 269 10.26 14.29 9.34
CA LEU A 269 9.67 13.73 10.57
C LEU A 269 8.98 12.36 10.37
N TYR A 270 9.16 11.47 11.35
CA TYR A 270 8.53 10.16 11.29
C TYR A 270 7.82 9.89 12.61
N TYR A 271 6.75 9.12 12.58
CA TYR A 271 6.08 8.75 13.81
C TYR A 271 6.41 7.28 14.07
N VAL A 272 6.72 6.98 15.33
CA VAL A 272 7.06 5.64 15.76
C VAL A 272 5.85 4.95 16.40
N ALA A 273 5.45 3.81 15.83
CA ALA A 273 4.32 3.06 16.39
C ALA A 273 4.85 2.12 17.46
N GLU A 274 4.18 2.03 18.61
CA GLU A 274 4.60 1.12 19.66
C GLU A 274 4.55 -0.31 19.15
N SER A 275 3.53 -0.59 18.34
CA SER A 275 3.30 -1.91 17.76
C SER A 275 2.07 -1.77 16.86
N PHE A 276 1.82 -2.78 16.05
CA PHE A 276 0.67 -2.72 15.17
C PHE A 276 -0.65 -2.82 15.96
N ASN A 277 -0.68 -3.65 17.00
CA ASN A 277 -1.89 -3.76 17.82
C ASN A 277 -2.20 -2.40 18.43
N ASP A 278 -1.18 -1.73 18.96
CA ASP A 278 -1.38 -0.42 19.57
C ASP A 278 -1.83 0.65 18.56
N ALA A 279 -1.22 0.67 17.37
CA ALA A 279 -1.60 1.64 16.35
C ALA A 279 -3.06 1.33 16.00
N LYS A 280 -3.39 0.04 15.95
CA LYS A 280 -4.75 -0.36 15.64
C LYS A 280 -5.72 0.21 16.66
N GLU A 281 -5.37 0.07 17.94
CA GLU A 281 -6.19 0.60 19.03
C GLU A 281 -6.36 2.11 18.87
N LYS A 282 -5.24 2.80 18.64
CA LYS A 282 -5.27 4.25 18.47
C LYS A 282 -6.19 4.68 17.30
N VAL A 283 -6.26 3.89 16.24
CA VAL A 283 -7.10 4.25 15.13
C VAL A 283 -8.57 4.07 15.55
N ARG A 284 -8.85 2.96 16.22
CA ARG A 284 -10.20 2.68 16.66
C ARG A 284 -10.68 3.85 17.52
N ASN A 285 -9.84 4.27 18.45
CA ASN A 285 -10.23 5.40 19.30
C ASN A 285 -10.39 6.65 18.45
N PHE A 286 -9.49 6.86 17.51
CA PHE A 286 -9.59 8.04 16.67
C PHE A 286 -10.85 7.93 15.83
N ALA A 287 -11.16 6.73 15.38
CA ALA A 287 -12.36 6.55 14.56
C ALA A 287 -13.64 6.94 15.33
N ALA A 288 -13.62 6.71 16.64
CA ALA A 288 -14.75 7.01 17.49
C ALA A 288 -15.05 8.49 17.51
N THR A 289 -14.04 9.34 17.28
CA THR A 289 -14.27 10.79 17.27
C THR A 289 -14.79 11.30 15.93
N ILE A 290 -14.88 10.45 14.92
CA ILE A 290 -15.36 10.90 13.62
C ILE A 290 -16.88 10.96 13.63
N PRO A 291 -17.45 12.11 13.25
CA PRO A 291 -18.92 12.19 13.23
C PRO A 291 -19.63 11.40 12.13
N ARG A 292 -19.96 10.16 12.47
CA ARG A 292 -20.71 9.25 11.61
C ARG A 292 -21.90 8.81 12.48
N PRO A 293 -23.13 9.03 11.99
CA PRO A 293 -24.31 8.62 12.77
C PRO A 293 -24.52 7.11 12.82
N PHE A 294 -23.43 6.35 12.72
CA PHE A 294 -23.52 4.90 12.74
C PHE A 294 -22.18 4.19 13.00
N SER A 295 -22.22 2.87 13.06
CA SER A 295 -21.04 2.07 13.30
C SER A 295 -20.89 1.05 12.17
N VAL A 296 -19.68 0.55 11.95
CA VAL A 296 -19.47 -0.45 10.89
C VAL A 296 -18.62 -1.60 11.37
N ARG A 297 -18.93 -2.78 10.87
CA ARG A 297 -18.20 -3.98 11.25
C ARG A 297 -18.14 -4.84 10.00
N TYR A 298 -17.00 -5.46 9.76
CA TYR A 298 -16.86 -6.33 8.60
C TYR A 298 -17.07 -7.76 9.10
N ASP A 299 -17.86 -8.53 8.37
CA ASP A 299 -18.11 -9.92 8.77
C ASP A 299 -17.43 -10.80 7.73
N PRO A 300 -16.24 -11.31 8.07
CA PRO A 300 -15.49 -12.17 7.14
C PRO A 300 -16.23 -13.43 6.68
N TYR A 301 -17.21 -13.89 7.44
CA TYR A 301 -17.96 -15.07 7.05
C TYR A 301 -18.78 -14.83 5.80
N THR A 302 -19.34 -13.63 5.65
CA THR A 302 -20.20 -13.28 4.51
C THR A 302 -19.59 -12.21 3.62
N GLN A 303 -18.49 -11.62 4.08
CA GLN A 303 -17.81 -10.58 3.30
C GLN A 303 -18.73 -9.40 3.07
N ARG A 304 -19.45 -9.03 4.12
CA ARG A 304 -20.36 -7.91 4.10
C ARG A 304 -20.03 -7.03 5.28
N ILE A 305 -20.28 -5.73 5.13
CA ILE A 305 -20.07 -4.75 6.18
C ILE A 305 -21.40 -4.62 6.90
N GLU A 306 -21.41 -4.74 8.22
CA GLU A 306 -22.66 -4.57 8.97
C GLU A 306 -22.77 -3.12 9.46
N VAL A 307 -23.87 -2.47 9.12
CA VAL A 307 -24.08 -1.09 9.54
C VAL A 307 -25.08 -1.01 10.69
N LEU A 308 -24.62 -0.49 11.82
CA LEU A 308 -25.44 -0.37 13.02
C LEU A 308 -26.10 0.99 13.09
#